data_7MFC
#
_entry.id   7MFC
#
_cell.length_a   61.870
_cell.length_b   61.870
_cell.length_c   181.750
_cell.angle_alpha   90.000
_cell.angle_beta   90.000
_cell.angle_gamma   90.000
#
_symmetry.space_group_name_H-M   'P 43 21 2'
#
loop_
_entity.id
_entity.type
_entity.pdbx_description
1 polymer 'Macrophage colony-stimulating factor 1 receptor'
2 non-polymer Vimseltinib
3 water water
#
_entity_poly.entity_id   1
_entity_poly.type   'polypeptide(L)'
_entity_poly.pdbx_seq_one_letter_code
;MKKGHHHHHHGQKPKYQVRWKIIESYEGNSYTFIDPTQLPYNEKWEFPRNNLQFGKTLGAGAFGKVVEATAFGLGKEDAV
LKVAVKMLKSTAHADEKEALMSELKIMSHLGQHENIVNLLGACTHGGPVLVITEYCTYGDLLNFLRRKAEAMLGPSLSPG
QDPEGLDKEDGRPLELRDLLHFSSQVAQGMAFLASKNCIHRDVAARNVLLTNGHVAKIGDFGLARDIMNDSNYIVKGNAR
LPVKWMAPESIFDSVYTVQSDVWSYGILLWEIFSLGLNPYPGILVNSKFYKLVKDGYQMAQPAFAPKNIYSIMQACWALE
PTHRPTFQQITSFLQEQAQEDRR
;
_entity_poly.pdbx_strand_id   A
#
loop_
_chem_comp.id
_chem_comp.type
_chem_comp.name
_chem_comp.formula
Z6V non-polymer Vimseltinib 'C23 H25 N7 O2'
#
# COMPACT_ATOMS: atom_id res chain seq x y z
N THR A 37 -10.12 -9.25 -13.07
CA THR A 37 -9.98 -10.48 -12.28
C THR A 37 -11.10 -11.46 -12.62
N GLN A 38 -10.72 -12.72 -12.84
CA GLN A 38 -11.65 -13.73 -13.36
C GLN A 38 -12.27 -13.26 -14.66
N LEU A 39 -11.42 -12.75 -15.55
CA LEU A 39 -11.84 -12.19 -16.83
C LEU A 39 -10.66 -12.28 -17.78
N PRO A 40 -10.89 -12.20 -19.09
CA PRO A 40 -9.77 -12.36 -20.03
C PRO A 40 -8.68 -11.32 -19.83
N TYR A 41 -7.44 -11.77 -19.92
CA TYR A 41 -6.27 -10.93 -19.75
C TYR A 41 -5.80 -10.40 -21.10
N ASN A 42 -5.64 -9.09 -21.20
CA ASN A 42 -5.23 -8.47 -22.46
C ASN A 42 -3.76 -8.72 -22.72
N GLU A 43 -3.41 -8.89 -24.00
CA GLU A 43 -2.05 -9.21 -24.40
C GLU A 43 -1.21 -7.97 -24.68
N LYS A 44 -1.78 -6.77 -24.56
CA LYS A 44 -1.00 -5.56 -24.72
C LYS A 44 0.08 -5.43 -23.65
N TRP A 45 -0.11 -6.08 -22.51
CA TRP A 45 0.85 -6.03 -21.42
C TRP A 45 1.97 -7.06 -21.54
N GLU A 46 1.90 -7.96 -22.52
CA GLU A 46 2.91 -9.00 -22.62
C GLU A 46 4.28 -8.38 -22.89
N PHE A 47 5.33 -9.00 -22.33
CA PHE A 47 6.68 -8.51 -22.42
C PHE A 47 7.62 -9.71 -22.48
N PRO A 48 8.67 -9.65 -23.32
CA PRO A 48 9.60 -10.78 -23.42
C PRO A 48 10.41 -10.94 -22.13
N ARG A 49 10.27 -12.11 -21.50
CA ARG A 49 10.92 -12.35 -20.22
C ARG A 49 12.45 -12.39 -20.36
N ASN A 50 12.96 -12.78 -21.51
CA ASN A 50 14.41 -12.73 -21.68
C ASN A 50 14.93 -11.32 -21.92
N ASN A 51 14.04 -10.33 -21.94
CA ASN A 51 14.40 -8.92 -21.95
C ASN A 51 14.38 -8.30 -20.56
N LEU A 52 14.42 -9.12 -19.52
CA LEU A 52 14.57 -8.67 -18.14
C LEU A 52 15.91 -9.15 -17.62
N GLN A 53 16.66 -8.24 -16.99
CA GLN A 53 17.91 -8.59 -16.32
C GLN A 53 17.74 -8.29 -14.84
N PHE A 54 17.63 -9.35 -14.04
CA PHE A 54 17.20 -9.21 -12.65
C PHE A 54 18.32 -8.75 -11.75
N GLY A 55 17.95 -7.97 -10.72
CA GLY A 55 18.90 -7.51 -9.73
C GLY A 55 18.58 -8.01 -8.34
N LYS A 56 18.64 -7.11 -7.36
CA LYS A 56 18.41 -7.49 -5.98
C LYS A 56 16.93 -7.73 -5.73
N THR A 57 16.65 -8.67 -4.83
CA THR A 57 15.29 -8.87 -4.36
C THR A 57 14.88 -7.73 -3.46
N LEU A 58 13.75 -7.11 -3.77
CA LEU A 58 13.25 -5.97 -3.01
C LEU A 58 12.44 -6.42 -1.80
N GLY A 59 11.50 -7.34 -2.01
CA GLY A 59 10.75 -7.93 -0.91
C GLY A 59 10.50 -9.39 -1.21
N ALA A 60 10.22 -10.15 -0.15
CA ALA A 60 10.03 -11.59 -0.27
C ALA A 60 8.97 -12.05 0.72
N GLY A 61 7.92 -12.68 0.20
CA GLY A 61 6.89 -13.28 1.02
C GLY A 61 7.15 -14.75 1.26
N ALA A 62 6.08 -15.47 1.58
CA ALA A 62 6.20 -16.90 1.82
C ALA A 62 6.30 -17.67 0.52
N PHE A 63 5.58 -17.23 -0.52
CA PHE A 63 5.54 -17.92 -1.80
C PHE A 63 5.61 -16.94 -2.96
N GLY A 64 6.25 -15.79 -2.76
CA GLY A 64 6.36 -14.79 -3.81
C GLY A 64 7.36 -13.74 -3.39
N LYS A 65 7.73 -12.91 -4.36
CA LYS A 65 8.73 -11.88 -4.08
C LYS A 65 8.72 -10.85 -5.21
N VAL A 66 9.14 -9.63 -4.87
CA VAL A 66 9.38 -8.59 -5.84
C VAL A 66 10.89 -8.43 -6.00
N VAL A 67 11.36 -8.43 -7.24
CA VAL A 67 12.78 -8.32 -7.57
C VAL A 67 12.97 -7.12 -8.47
N GLU A 68 14.05 -6.38 -8.26
CA GLU A 68 14.36 -5.30 -9.19
C GLU A 68 14.96 -5.89 -10.47
N ALA A 69 14.80 -5.15 -11.56
CA ALA A 69 15.24 -5.65 -12.85
C ALA A 69 15.34 -4.49 -13.82
N THR A 70 16.17 -4.67 -14.83
CA THR A 70 16.27 -3.74 -15.95
C THR A 70 15.54 -4.34 -17.15
N ALA A 71 14.55 -3.62 -17.64
CA ALA A 71 13.75 -4.04 -18.79
C ALA A 71 14.15 -3.22 -20.01
N PHE A 72 14.33 -3.90 -21.13
CA PHE A 72 14.84 -3.28 -22.35
C PHE A 72 13.74 -3.27 -23.41
N GLY A 73 13.48 -2.10 -23.96
CA GLY A 73 12.45 -1.97 -24.99
C GLY A 73 11.06 -2.16 -24.44
N LEU A 74 10.78 -1.50 -23.32
CA LEU A 74 9.47 -1.56 -22.66
C LEU A 74 8.68 -0.30 -22.98
N GLY A 75 7.42 -0.48 -23.37
CA GLY A 75 6.57 0.63 -23.73
C GLY A 75 6.75 1.08 -25.17
N LYS A 76 5.98 2.09 -25.54
CA LYS A 76 6.02 2.59 -26.92
C LYS A 76 7.36 3.24 -27.22
N GLU A 77 7.91 4.01 -26.26
CA GLU A 77 9.19 4.67 -26.46
C GLU A 77 10.38 3.71 -26.44
N ASP A 78 10.14 2.41 -26.22
CA ASP A 78 11.19 1.40 -26.13
C ASP A 78 12.19 1.76 -25.04
N ALA A 79 11.68 2.28 -23.93
CA ALA A 79 12.54 2.78 -22.85
C ALA A 79 13.29 1.63 -22.21
N VAL A 80 14.52 1.93 -21.77
CA VAL A 80 15.31 1.01 -20.94
C VAL A 80 15.19 1.52 -19.51
N LEU A 81 14.63 0.70 -18.64
CA LEU A 81 14.14 1.17 -17.35
C LEU A 81 14.47 0.17 -16.26
N LYS A 82 14.70 0.69 -15.05
CA LYS A 82 14.70 -0.16 -13.88
C LYS A 82 13.26 -0.35 -13.41
N VAL A 83 12.89 -1.61 -13.16
CA VAL A 83 11.51 -1.97 -12.86
C VAL A 83 11.48 -2.95 -11.69
N ALA A 84 10.27 -3.12 -11.15
CA ALA A 84 9.97 -4.13 -10.13
C ALA A 84 9.23 -5.27 -10.79
N VAL A 85 9.70 -6.49 -10.59
CA VAL A 85 9.09 -7.69 -11.15
C VAL A 85 8.60 -8.55 -9.99
N LYS A 86 7.36 -9.03 -10.08
CA LYS A 86 6.72 -9.82 -9.06
C LYS A 86 6.54 -11.24 -9.57
N MET A 87 6.92 -12.22 -8.75
CA MET A 87 6.94 -13.60 -9.24
C MET A 87 6.80 -14.53 -8.05
N LEU A 88 6.34 -15.73 -8.34
CA LEU A 88 6.25 -16.78 -7.33
C LEU A 88 7.59 -17.47 -7.17
N LYS A 89 7.85 -17.93 -5.96
CA LYS A 89 9.08 -18.65 -5.64
C LYS A 89 8.97 -20.09 -6.14
N SER A 90 9.98 -20.91 -5.81
CA SER A 90 9.97 -22.30 -6.24
C SER A 90 8.82 -23.06 -5.61
N THR A 91 8.49 -22.77 -4.36
CA THR A 91 7.32 -23.36 -3.71
C THR A 91 6.07 -22.84 -4.41
N ALA A 92 5.73 -23.47 -5.53
CA ALA A 92 4.61 -23.04 -6.36
C ALA A 92 3.44 -24.00 -6.18
N HIS A 93 2.26 -23.44 -5.91
CA HIS A 93 1.02 -24.19 -5.83
C HIS A 93 -0.01 -23.55 -6.75
N ALA A 94 -1.12 -24.25 -6.95
CA ALA A 94 -2.16 -23.73 -7.82
C ALA A 94 -2.80 -22.47 -7.23
N ASP A 95 -3.09 -22.49 -5.92
CA ASP A 95 -3.73 -21.34 -5.29
C ASP A 95 -2.83 -20.11 -5.31
N GLU A 96 -1.51 -20.30 -5.27
CA GLU A 96 -0.59 -19.17 -5.32
C GLU A 96 -0.46 -18.63 -6.75
N LYS A 97 -0.63 -19.49 -7.76
CA LYS A 97 -0.55 -19.04 -9.14
C LYS A 97 -1.73 -18.16 -9.50
N GLU A 98 -2.93 -18.49 -9.01
CA GLU A 98 -4.10 -17.67 -9.26
C GLU A 98 -3.99 -16.31 -8.57
N ALA A 99 -3.38 -16.27 -7.38
CA ALA A 99 -3.32 -15.03 -6.62
C ALA A 99 -2.49 -13.98 -7.33
N LEU A 100 -1.40 -14.39 -8.00
CA LEU A 100 -0.61 -13.42 -8.75
C LEU A 100 -1.34 -12.96 -10.01
N MET A 101 -2.09 -13.86 -10.64
CA MET A 101 -2.83 -13.50 -11.84
C MET A 101 -4.00 -12.59 -11.52
N SER A 102 -4.67 -12.82 -10.38
CA SER A 102 -5.75 -11.94 -9.97
C SER A 102 -5.24 -10.52 -9.76
N GLU A 103 -4.13 -10.38 -9.04
CA GLU A 103 -3.51 -9.08 -8.84
C GLU A 103 -3.15 -8.43 -10.18
N LEU A 104 -2.70 -9.23 -11.15
CA LEU A 104 -2.34 -8.69 -12.46
C LEU A 104 -3.57 -8.26 -13.24
N LYS A 105 -4.62 -9.09 -13.22
CA LYS A 105 -5.83 -8.76 -13.98
C LYS A 105 -6.49 -7.48 -13.46
N ILE A 106 -6.49 -7.28 -12.14
CA ILE A 106 -7.04 -6.06 -11.58
C ILE A 106 -6.20 -4.86 -11.98
N MET A 107 -4.87 -5.00 -11.95
CA MET A 107 -4.00 -3.89 -12.31
C MET A 107 -4.10 -3.56 -13.80
N SER A 108 -4.30 -4.57 -14.64
CA SER A 108 -4.40 -4.33 -16.07
C SER A 108 -5.64 -3.51 -16.41
N HIS A 109 -6.80 -3.92 -15.89
CA HIS A 109 -8.04 -3.20 -16.14
C HIS A 109 -8.12 -1.88 -15.39
N LEU A 110 -7.13 -1.55 -14.55
CA LEU A 110 -7.22 -0.40 -13.67
C LEU A 110 -6.98 0.92 -14.41
N GLY A 111 -5.78 1.12 -14.93
CA GLY A 111 -5.41 2.36 -15.57
C GLY A 111 -4.23 3.01 -14.87
N GLN A 112 -3.78 4.12 -15.46
CA GLN A 112 -2.58 4.81 -14.99
C GLN A 112 -2.97 6.00 -14.12
N HIS A 113 -2.29 6.12 -12.98
CA HIS A 113 -2.35 7.34 -12.16
C HIS A 113 -0.98 7.56 -11.55
N GLU A 114 -0.59 8.82 -11.42
CA GLU A 114 0.76 9.15 -10.96
C GLU A 114 1.02 8.64 -9.55
N ASN A 115 -0.02 8.54 -8.72
CA ASN A 115 0.14 8.24 -7.30
C ASN A 115 -0.25 6.81 -6.94
N ILE A 116 -0.23 5.91 -7.91
CA ILE A 116 -0.34 4.48 -7.66
C ILE A 116 0.83 3.80 -8.33
N VAL A 117 1.12 2.58 -7.89
CA VAL A 117 2.19 1.77 -8.48
C VAL A 117 1.65 1.19 -9.78
N ASN A 118 2.08 1.76 -10.91
CA ASN A 118 1.50 1.41 -12.19
C ASN A 118 2.06 0.09 -12.72
N LEU A 119 1.24 -0.59 -13.52
CA LEU A 119 1.65 -1.80 -14.22
C LEU A 119 2.33 -1.41 -15.53
N LEU A 120 3.49 -2.00 -15.79
CA LEU A 120 4.22 -1.76 -17.03
C LEU A 120 4.11 -2.91 -18.02
N GLY A 121 4.13 -4.15 -17.54
CA GLY A 121 3.98 -5.29 -18.41
C GLY A 121 3.90 -6.57 -17.60
N ALA A 122 3.68 -7.67 -18.31
CA ALA A 122 3.64 -8.99 -17.70
C ALA A 122 4.31 -10.02 -18.61
N CYS A 123 4.75 -11.11 -18.00
CA CYS A 123 5.31 -12.25 -18.73
C CYS A 123 4.45 -13.46 -18.38
N THR A 124 3.50 -13.77 -19.26
CA THR A 124 2.56 -14.86 -19.03
C THR A 124 2.82 -16.08 -19.91
N HIS A 125 3.59 -15.94 -20.97
CA HIS A 125 3.94 -17.04 -21.86
C HIS A 125 5.42 -17.38 -21.71
N GLY A 126 5.73 -18.66 -21.83
CA GLY A 126 7.11 -19.11 -21.87
C GLY A 126 7.72 -19.47 -20.53
N GLY A 127 6.95 -19.47 -19.44
CA GLY A 127 7.47 -19.82 -18.14
C GLY A 127 6.63 -19.27 -17.01
N PRO A 128 7.27 -19.09 -15.84
CA PRO A 128 6.52 -18.59 -14.68
C PRO A 128 6.03 -17.16 -14.89
N VAL A 129 4.93 -16.82 -14.22
CA VAL A 129 4.30 -15.53 -14.40
C VAL A 129 5.14 -14.44 -13.74
N LEU A 130 5.38 -13.35 -14.48
CA LEU A 130 6.15 -12.22 -13.99
C LEU A 130 5.32 -10.96 -14.16
N VAL A 131 5.18 -10.20 -13.09
CA VAL A 131 4.36 -8.98 -13.08
C VAL A 131 5.31 -7.80 -12.95
N ILE A 132 5.39 -6.98 -14.00
CA ILE A 132 6.36 -5.90 -14.11
C ILE A 132 5.66 -4.59 -13.78
N THR A 133 6.06 -3.96 -12.68
CA THR A 133 5.54 -2.66 -12.27
C THR A 133 6.67 -1.65 -12.24
N GLU A 134 6.29 -0.38 -12.05
CA GLU A 134 7.28 0.67 -11.88
C GLU A 134 8.17 0.36 -10.68
N TYR A 135 9.36 0.94 -10.69
CA TYR A 135 10.30 0.83 -9.59
C TYR A 135 10.34 2.15 -8.84
N CYS A 136 10.00 2.11 -7.56
CA CYS A 136 9.99 3.29 -6.70
C CYS A 136 11.31 3.39 -5.96
N THR A 137 12.00 4.52 -6.09
CA THR A 137 13.41 4.60 -5.72
C THR A 137 13.61 4.47 -4.21
N TYR A 138 12.72 5.06 -3.41
CA TYR A 138 12.94 5.22 -1.97
C TYR A 138 12.23 4.17 -1.13
N GLY A 139 11.71 3.12 -1.75
CA GLY A 139 11.06 2.08 -0.98
C GLY A 139 9.73 2.55 -0.39
N ASP A 140 9.27 1.79 0.59
CA ASP A 140 7.97 2.07 1.20
C ASP A 140 8.04 3.34 2.04
N LEU A 141 6.86 3.85 2.39
CA LEU A 141 6.78 5.08 3.17
C LEU A 141 7.18 4.86 4.64
N LEU A 142 6.89 3.68 5.17
CA LEU A 142 7.10 3.44 6.60
C LEU A 142 8.58 3.49 6.97
N ASN A 143 9.43 2.79 6.20
CA ASN A 143 10.86 2.81 6.49
C ASN A 143 11.47 4.17 6.21
N PHE A 144 11.06 4.82 5.12
CA PHE A 144 11.54 6.16 4.82
C PHE A 144 11.25 7.11 5.98
N LEU A 145 10.02 7.07 6.49
CA LEU A 145 9.66 7.90 7.64
C LEU A 145 10.48 7.52 8.87
N ARG A 146 10.61 6.22 9.15
CA ARG A 146 11.35 5.79 10.33
C ARG A 146 12.84 6.10 10.22
N ARG A 147 13.40 6.06 9.01
CA ARG A 147 14.82 6.39 8.85
C ARG A 147 15.04 7.90 8.95
N LYS A 148 14.25 8.69 8.23
CA LYS A 148 14.43 10.14 8.25
C LYS A 148 14.32 10.68 9.67
N ALA A 149 13.42 10.12 10.49
CA ALA A 149 13.35 10.51 11.89
C ALA A 149 14.66 10.21 12.61
N GLU A 150 15.20 9.00 12.39
CA GLU A 150 16.50 8.66 12.99
C GLU A 150 17.60 9.59 12.50
N ALA A 151 17.59 9.92 11.21
CA ALA A 151 18.58 10.85 10.68
C ALA A 151 18.37 12.26 11.21
N MET A 152 17.11 12.66 11.47
CA MET A 152 16.82 13.99 12.01
C MET A 152 17.23 14.12 13.47
N LEU A 153 17.33 13.01 14.20
CA LEU A 153 17.84 13.01 15.57
C LEU A 153 19.35 12.76 15.65
N GLY A 154 20.07 13.00 14.54
CA GLY A 154 21.48 12.67 14.51
C GLY A 154 22.34 13.33 15.56
N PRO A 155 22.12 14.61 15.87
CA PRO A 155 22.73 15.23 17.06
C PRO A 155 22.42 14.57 18.41
N SER A 156 22.46 13.24 18.45
CA SER A 156 22.65 12.39 19.63
C SER A 156 23.84 11.47 19.39
N LEU A 157 24.86 12.02 18.73
CA LEU A 157 25.95 11.27 18.13
C LEU A 157 26.46 10.11 18.98
N ARG A 172 18.37 15.62 3.15
CA ARG A 172 17.66 16.78 3.68
C ARG A 172 16.78 16.39 4.87
N PRO A 173 16.30 17.39 5.64
CA PRO A 173 15.33 17.10 6.70
C PRO A 173 13.88 17.12 6.24
N LEU A 174 13.02 16.44 6.98
CA LEU A 174 11.60 16.33 6.62
C LEU A 174 10.84 17.51 7.21
N GLU A 175 10.14 18.25 6.36
CA GLU A 175 9.31 19.35 6.81
C GLU A 175 7.84 18.95 6.85
N LEU A 176 7.06 19.73 7.60
CA LEU A 176 5.64 19.45 7.71
C LEU A 176 4.96 19.46 6.35
N ARG A 177 5.40 20.33 5.44
CA ARG A 177 4.91 20.29 4.07
C ARG A 177 5.10 18.92 3.44
N ASP A 178 6.22 18.25 3.73
CA ASP A 178 6.47 16.95 3.12
C ASP A 178 5.42 15.94 3.53
N LEU A 179 5.02 15.93 4.81
CA LEU A 179 4.00 15.00 5.26
C LEU A 179 2.65 15.30 4.63
N LEU A 180 2.36 16.59 4.43
CA LEU A 180 1.11 16.96 3.77
C LEU A 180 1.10 16.56 2.30
N HIS A 181 2.27 16.56 1.65
CA HIS A 181 2.35 16.09 0.27
C HIS A 181 2.19 14.57 0.20
N PHE A 182 2.88 13.84 1.08
CA PHE A 182 2.69 12.40 1.16
C PHE A 182 1.23 12.04 1.36
N SER A 183 0.58 12.71 2.33
CA SER A 183 -0.83 12.43 2.60
C SER A 183 -1.69 12.80 1.41
N SER A 184 -1.49 14.00 0.85
CA SER A 184 -2.23 14.40 -0.35
C SER A 184 -2.07 13.37 -1.47
N GLN A 185 -0.83 12.93 -1.73
CA GLN A 185 -0.56 12.08 -2.88
C GLN A 185 -1.25 10.72 -2.75
N VAL A 186 -1.14 10.08 -1.59
CA VAL A 186 -1.82 8.80 -1.39
C VAL A 186 -3.33 8.97 -1.51
N ALA A 187 -3.86 10.08 -0.98
CA ALA A 187 -5.29 10.36 -1.13
C ALA A 187 -5.69 10.39 -2.58
N GLN A 188 -4.89 11.05 -3.43
CA GLN A 188 -5.17 11.08 -4.86
C GLN A 188 -5.17 9.69 -5.46
N GLY A 189 -4.20 8.85 -5.08
CA GLY A 189 -4.19 7.49 -5.56
C GLY A 189 -5.41 6.71 -5.12
N MET A 190 -5.78 6.82 -3.86
CA MET A 190 -6.95 6.12 -3.36
C MET A 190 -8.22 6.62 -4.03
N ALA A 191 -8.37 7.95 -4.16
CA ALA A 191 -9.50 8.49 -4.89
C ALA A 191 -9.55 7.97 -6.32
N PHE A 192 -8.40 7.68 -6.92
CA PHE A 192 -8.40 7.10 -8.26
C PHE A 192 -8.87 5.65 -8.22
N LEU A 193 -8.42 4.88 -7.22
CA LEU A 193 -8.92 3.52 -7.08
C LEU A 193 -10.41 3.51 -6.79
N ALA A 194 -10.87 4.49 -6.00
CA ALA A 194 -12.30 4.58 -5.67
C ALA A 194 -13.14 4.89 -6.89
N SER A 195 -12.57 5.58 -7.88
CA SER A 195 -13.27 5.83 -9.14
C SER A 195 -13.37 4.60 -10.03
N LYS A 196 -12.58 3.57 -9.77
CA LYS A 196 -12.64 2.33 -10.53
C LYS A 196 -13.29 1.19 -9.76
N ASN A 197 -13.90 1.49 -8.61
CA ASN A 197 -14.47 0.47 -7.73
C ASN A 197 -13.45 -0.63 -7.44
N CYS A 198 -12.23 -0.21 -7.11
CA CYS A 198 -11.14 -1.12 -6.78
C CYS A 198 -10.78 -0.93 -5.31
N ILE A 199 -10.99 -1.96 -4.51
CA ILE A 199 -10.84 -1.91 -3.07
C ILE A 199 -9.45 -2.40 -2.69
N HIS A 200 -8.60 -1.52 -2.17
CA HIS A 200 -7.25 -1.90 -1.81
C HIS A 200 -7.24 -2.95 -0.69
N ARG A 201 -7.85 -2.61 0.45
CA ARG A 201 -8.04 -3.48 1.60
C ARG A 201 -6.74 -3.87 2.30
N ASP A 202 -5.64 -3.19 1.99
CA ASP A 202 -4.49 -3.15 2.89
C ASP A 202 -3.76 -1.81 2.74
N VAL A 203 -4.48 -0.72 2.93
CA VAL A 203 -3.86 0.61 2.92
C VAL A 203 -3.06 0.78 4.21
N ALA A 204 -1.76 1.03 4.06
CA ALA A 204 -0.85 1.24 5.18
C ALA A 204 0.43 1.83 4.63
N ALA A 205 1.22 2.46 5.51
CA ALA A 205 2.46 3.07 5.06
C ALA A 205 3.39 2.05 4.42
N ARG A 206 3.37 0.80 4.89
CA ARG A 206 4.18 -0.26 4.31
C ARG A 206 3.75 -0.59 2.89
N ASN A 207 2.55 -0.19 2.48
CA ASN A 207 2.08 -0.38 1.11
C ASN A 207 2.03 0.92 0.33
N VAL A 208 2.71 1.95 0.84
CA VAL A 208 2.86 3.23 0.15
C VAL A 208 4.33 3.41 -0.17
N LEU A 209 4.63 3.70 -1.43
CA LEU A 209 6.01 3.76 -1.89
C LEU A 209 6.34 5.15 -2.41
N LEU A 210 7.62 5.51 -2.28
CA LEU A 210 8.13 6.80 -2.70
C LEU A 210 9.06 6.62 -3.88
N THR A 211 8.88 7.47 -4.90
CA THR A 211 9.71 7.38 -6.10
C THR A 211 10.45 8.69 -6.34
N ASN A 212 10.86 8.94 -7.58
CA ASN A 212 11.62 10.15 -7.93
C ASN A 212 10.90 11.40 -7.43
N GLY A 213 11.66 12.30 -6.83
CA GLY A 213 11.09 13.50 -6.25
C GLY A 213 10.31 13.26 -4.98
N HIS A 214 10.44 12.08 -4.37
CA HIS A 214 9.71 11.72 -3.16
C HIS A 214 8.21 11.91 -3.33
N VAL A 215 7.69 11.36 -4.42
CA VAL A 215 6.27 11.34 -4.69
C VAL A 215 5.71 10.01 -4.20
N ALA A 216 4.57 10.06 -3.54
CA ALA A 216 4.00 8.88 -2.89
C ALA A 216 3.10 8.14 -3.86
N LYS A 217 3.25 6.82 -3.89
CA LYS A 217 2.42 5.94 -4.71
C LYS A 217 1.86 4.84 -3.83
N ILE A 218 0.57 4.61 -3.93
CA ILE A 218 -0.06 3.52 -3.19
C ILE A 218 0.16 2.22 -3.96
N GLY A 219 0.68 1.21 -3.28
CA GLY A 219 0.90 -0.09 -3.89
C GLY A 219 0.45 -1.21 -3.00
N ASP A 220 0.82 -2.44 -3.31
CA ASP A 220 0.44 -3.58 -2.49
C ASP A 220 1.44 -4.70 -2.74
N PHE A 221 2.24 -5.01 -1.72
CA PHE A 221 3.18 -6.12 -1.84
C PHE A 221 2.47 -7.46 -1.91
N GLY A 222 1.27 -7.56 -1.36
CA GLY A 222 0.50 -8.79 -1.36
C GLY A 222 1.30 -10.04 -1.02
N LEU A 223 1.42 -10.96 -1.98
CA LEU A 223 2.12 -12.22 -1.74
C LEU A 223 3.62 -12.03 -1.54
N ALA A 224 4.15 -10.83 -1.76
CA ALA A 224 5.59 -10.57 -1.64
C ALA A 224 5.99 -9.98 -0.30
N ARG A 225 5.06 -9.89 0.65
CA ARG A 225 5.39 -9.53 2.02
C ARG A 225 5.27 -10.78 2.89
N ASP A 226 6.29 -11.02 3.72
CA ASP A 226 6.25 -12.18 4.60
C ASP A 226 5.26 -11.94 5.74
N ILE A 227 3.97 -11.86 5.42
CA ILE A 227 2.96 -11.61 6.45
C ILE A 227 2.90 -12.76 7.45
N MET A 228 3.33 -13.96 7.06
CA MET A 228 3.39 -15.08 7.98
C MET A 228 4.18 -14.74 9.23
N ASN A 229 5.23 -13.91 9.09
CA ASN A 229 6.08 -13.53 10.20
C ASN A 229 6.01 -12.04 10.52
N ASP A 230 4.99 -11.34 10.01
CA ASP A 230 4.87 -9.91 10.21
C ASP A 230 3.99 -9.64 11.43
N SER A 231 4.49 -8.83 12.35
CA SER A 231 3.75 -8.57 13.59
C SER A 231 2.56 -7.63 13.39
N ASN A 232 2.42 -7.01 12.22
CA ASN A 232 1.27 -6.16 11.95
C ASN A 232 0.09 -6.95 11.40
N TYR A 233 0.25 -8.24 11.18
CA TYR A 233 -0.81 -9.12 10.69
C TYR A 233 -1.11 -10.14 11.78
N ILE A 234 -2.35 -10.14 12.25
CA ILE A 234 -2.76 -10.95 13.39
C ILE A 234 -3.49 -12.19 12.89
N VAL A 235 -3.36 -13.28 13.65
CA VAL A 235 -4.07 -14.51 13.32
C VAL A 235 -5.57 -14.30 13.51
N LYS A 236 -6.36 -14.78 12.55
CA LYS A 236 -7.81 -14.75 12.68
C LYS A 236 -8.41 -15.94 11.95
N GLY A 237 -7.82 -17.12 12.12
CA GLY A 237 -8.36 -18.36 11.55
C GLY A 237 -7.76 -18.66 10.19
N ASN A 238 -8.58 -18.60 9.14
CA ASN A 238 -8.15 -18.98 7.81
C ASN A 238 -7.17 -18.00 7.18
N ALA A 239 -7.06 -16.78 7.72
CA ALA A 239 -6.23 -15.77 7.11
C ALA A 239 -5.62 -14.87 8.18
N ARG A 240 -4.53 -14.19 7.81
CA ARG A 240 -3.84 -13.24 8.67
C ARG A 240 -4.16 -11.82 8.21
N LEU A 241 -4.63 -10.99 9.13
CA LEU A 241 -5.26 -9.74 8.73
C LEU A 241 -4.60 -8.55 9.41
N PRO A 242 -4.39 -7.45 8.67
CA PRO A 242 -3.82 -6.25 9.29
C PRO A 242 -4.83 -5.54 10.20
N VAL A 243 -5.06 -6.07 11.40
CA VAL A 243 -6.23 -5.67 12.19
C VAL A 243 -6.19 -4.18 12.53
N LYS A 244 -5.03 -3.68 12.96
CA LYS A 244 -4.95 -2.31 13.45
C LYS A 244 -5.19 -1.27 12.36
N TRP A 245 -5.21 -1.67 11.10
CA TRP A 245 -5.60 -0.77 10.02
C TRP A 245 -7.04 -0.95 9.61
N MET A 246 -7.70 -2.02 10.04
CA MET A 246 -8.99 -2.38 9.50
C MET A 246 -10.13 -1.63 10.19
N ALA A 247 -11.16 -1.35 9.40
CA ALA A 247 -12.40 -0.82 9.95
C ALA A 247 -13.11 -1.90 10.77
N PRO A 248 -13.89 -1.51 11.79
CA PRO A 248 -14.57 -2.52 12.61
C PRO A 248 -15.51 -3.40 11.80
N GLU A 249 -16.23 -2.85 10.82
CA GLU A 249 -17.14 -3.68 10.03
C GLU A 249 -16.40 -4.65 9.11
N SER A 250 -15.13 -4.40 8.82
CA SER A 250 -14.34 -5.39 8.09
C SER A 250 -13.83 -6.49 9.01
N ILE A 251 -13.60 -6.18 10.29
CA ILE A 251 -13.13 -7.20 11.22
C ILE A 251 -14.26 -8.14 11.62
N PHE A 252 -15.48 -7.62 11.77
CA PHE A 252 -16.59 -8.42 12.27
C PHE A 252 -17.51 -8.94 11.16
N ASP A 253 -17.95 -8.07 10.26
CA ASP A 253 -18.79 -8.49 9.14
C ASP A 253 -17.99 -8.96 7.94
N SER A 254 -16.67 -8.84 7.96
CA SER A 254 -15.81 -9.26 6.86
C SER A 254 -16.20 -8.58 5.56
N VAL A 255 -16.59 -7.31 5.66
CA VAL A 255 -17.05 -6.51 4.53
C VAL A 255 -16.00 -5.46 4.21
N TYR A 256 -15.64 -5.34 2.93
CA TYR A 256 -14.66 -4.38 2.47
C TYR A 256 -15.27 -3.47 1.41
N THR A 257 -15.13 -2.17 1.61
CA THR A 257 -15.66 -1.17 0.69
C THR A 257 -14.64 -0.04 0.53
N VAL A 258 -15.02 0.95 -0.26
CA VAL A 258 -14.22 2.17 -0.38
C VAL A 258 -14.05 2.85 0.98
N GLN A 259 -15.11 2.86 1.80
CA GLN A 259 -15.05 3.52 3.09
C GLN A 259 -14.23 2.72 4.11
N SER A 260 -14.16 1.40 3.97
CA SER A 260 -13.23 0.62 4.79
C SER A 260 -11.78 0.94 4.46
N ASP A 261 -11.50 1.28 3.19
CA ASP A 261 -10.18 1.81 2.87
C ASP A 261 -9.99 3.21 3.43
N VAL A 262 -11.06 4.01 3.48
CA VAL A 262 -10.97 5.34 4.08
C VAL A 262 -10.59 5.23 5.55
N TRP A 263 -11.15 4.25 6.26
CA TRP A 263 -10.72 3.99 7.63
C TRP A 263 -9.22 3.72 7.69
N SER A 264 -8.75 2.74 6.92
CA SER A 264 -7.34 2.38 6.94
C SER A 264 -6.46 3.54 6.49
N TYR A 265 -6.94 4.36 5.56
CA TYR A 265 -6.21 5.57 5.22
C TYR A 265 -6.09 6.49 6.43
N GLY A 266 -7.15 6.57 7.24
CA GLY A 266 -7.07 7.34 8.47
C GLY A 266 -5.97 6.84 9.39
N ILE A 267 -5.83 5.52 9.49
CA ILE A 267 -4.71 4.95 10.24
C ILE A 267 -3.38 5.32 9.59
N LEU A 268 -3.34 5.34 8.25
CA LEU A 268 -2.13 5.75 7.54
C LEU A 268 -1.74 7.17 7.92
N LEU A 269 -2.70 8.09 7.91
CA LEU A 269 -2.42 9.45 8.37
C LEU A 269 -1.79 9.46 9.74
N TRP A 270 -2.30 8.60 10.64
CA TRP A 270 -1.71 8.52 11.96
C TRP A 270 -0.26 8.05 11.91
N GLU A 271 0.07 7.16 10.96
CA GLU A 271 1.46 6.71 10.81
C GLU A 271 2.35 7.81 10.24
N ILE A 272 1.85 8.52 9.22
CA ILE A 272 2.65 9.58 8.60
C ILE A 272 2.97 10.67 9.60
N PHE A 273 1.96 11.14 10.33
CA PHE A 273 2.16 12.26 11.24
C PHE A 273 2.65 11.86 12.62
N SER A 274 2.91 10.57 12.83
CA SER A 274 3.73 10.12 13.95
C SER A 274 5.14 9.73 13.52
N LEU A 275 5.41 9.81 12.22
CA LEU A 275 6.72 9.44 11.63
C LEU A 275 7.03 7.96 11.87
N GLY A 276 6.06 7.11 11.51
CA GLY A 276 6.30 5.68 11.52
C GLY A 276 6.03 4.95 12.82
N LEU A 277 5.25 5.53 13.74
CA LEU A 277 4.89 4.81 14.94
C LEU A 277 3.94 3.67 14.59
N ASN A 278 3.83 2.72 15.51
CA ASN A 278 2.88 1.62 15.30
C ASN A 278 1.49 2.03 15.80
N PRO A 279 0.44 1.69 15.06
CA PRO A 279 -0.92 2.03 15.51
C PRO A 279 -1.22 1.33 16.83
N TYR A 280 -2.04 1.99 17.65
CA TYR A 280 -2.48 1.46 18.93
C TYR A 280 -1.31 0.90 19.75
N PRO A 281 -0.27 1.71 19.96
CA PRO A 281 1.02 1.15 20.40
C PRO A 281 0.93 0.50 21.78
N GLY A 282 1.57 -0.66 21.90
CA GLY A 282 1.57 -1.43 23.12
C GLY A 282 0.30 -2.20 23.40
N ILE A 283 -0.78 -1.94 22.66
CA ILE A 283 -2.05 -2.61 22.89
C ILE A 283 -2.06 -3.93 22.13
N LEU A 284 -2.19 -5.03 22.86
CA LEU A 284 -2.25 -6.34 22.23
C LEU A 284 -3.60 -6.53 21.54
N VAL A 285 -3.57 -7.08 20.33
CA VAL A 285 -4.82 -7.35 19.60
C VAL A 285 -5.50 -8.54 20.28
N ASN A 286 -6.58 -8.27 21.00
CA ASN A 286 -7.37 -9.32 21.63
C ASN A 286 -8.81 -8.85 21.68
N SER A 287 -9.65 -9.61 22.40
CA SER A 287 -11.08 -9.33 22.42
C SER A 287 -11.38 -7.96 22.99
N LYS A 288 -10.56 -7.47 23.92
CA LYS A 288 -10.75 -6.11 24.41
C LYS A 288 -10.50 -5.08 23.31
N PHE A 289 -9.42 -5.26 22.55
CA PHE A 289 -9.12 -4.31 21.48
C PHE A 289 -10.25 -4.26 20.46
N TYR A 290 -10.79 -5.42 20.09
CA TYR A 290 -11.94 -5.44 19.20
C TYR A 290 -13.11 -4.67 19.79
N LYS A 291 -13.39 -4.87 21.08
CA LYS A 291 -14.50 -4.16 21.72
C LYS A 291 -14.26 -2.66 21.73
N LEU A 292 -13.04 -2.23 22.07
CA LEU A 292 -12.73 -0.81 22.11
C LEU A 292 -12.94 -0.16 20.75
N VAL A 293 -12.44 -0.80 19.69
CA VAL A 293 -12.57 -0.24 18.34
C VAL A 293 -14.03 -0.14 17.95
N LYS A 294 -14.80 -1.21 18.21
CA LYS A 294 -16.22 -1.19 17.87
C LYS A 294 -16.98 -0.18 18.71
N ASP A 295 -16.56 0.06 19.95
CA ASP A 295 -17.25 0.99 20.83
C ASP A 295 -16.84 2.45 20.59
N GLY A 296 -15.80 2.70 19.80
CA GLY A 296 -15.45 4.06 19.42
C GLY A 296 -14.09 4.55 19.89
N TYR A 297 -13.21 3.64 20.31
CA TYR A 297 -11.90 4.05 20.79
C TYR A 297 -11.03 4.51 19.62
N GLN A 298 -10.34 5.63 19.80
CA GLN A 298 -9.50 6.21 18.77
C GLN A 298 -8.15 6.60 19.35
N MET A 299 -7.12 6.46 18.52
CA MET A 299 -5.78 6.86 18.93
C MET A 299 -5.75 8.34 19.24
N ALA A 300 -4.89 8.71 20.19
CA ALA A 300 -4.69 10.11 20.51
C ALA A 300 -4.04 10.82 19.33
N GLN A 301 -4.05 12.14 19.40
CA GLN A 301 -3.45 12.94 18.34
C GLN A 301 -1.94 12.66 18.27
N PRO A 302 -1.43 12.28 17.11
CA PRO A 302 0.02 12.06 16.98
C PRO A 302 0.79 13.36 17.20
N ALA A 303 2.10 13.20 17.41
CA ALA A 303 2.93 14.31 17.88
C ALA A 303 2.98 15.46 16.88
N PHE A 304 2.94 15.16 15.58
CA PHE A 304 3.22 16.16 14.56
C PHE A 304 2.01 16.51 13.70
N ALA A 305 0.82 16.04 14.07
CA ALA A 305 -0.32 16.37 13.23
C ALA A 305 -0.99 17.64 13.75
N PRO A 306 -1.23 18.63 12.89
CA PRO A 306 -2.07 19.76 13.29
C PRO A 306 -3.44 19.27 13.73
N LYS A 307 -4.11 20.10 14.55
CA LYS A 307 -5.43 19.74 15.07
C LYS A 307 -6.38 19.32 13.96
N ASN A 308 -6.29 19.95 12.78
CA ASN A 308 -7.23 19.63 11.72
C ASN A 308 -6.82 18.41 10.90
N ILE A 309 -5.55 18.00 10.96
CA ILE A 309 -5.18 16.71 10.40
C ILE A 309 -5.68 15.58 11.30
N TYR A 310 -5.59 15.77 12.62
CA TYR A 310 -6.17 14.80 13.54
C TYR A 310 -7.68 14.75 13.41
N SER A 311 -8.30 15.89 13.09
CA SER A 311 -9.74 15.90 12.86
C SER A 311 -10.10 15.09 11.63
N ILE A 312 -9.27 15.16 10.60
CA ILE A 312 -9.48 14.36 9.40
C ILE A 312 -9.25 12.87 9.70
N MET A 313 -8.31 12.56 10.59
CA MET A 313 -8.15 11.17 11.04
C MET A 313 -9.41 10.67 11.72
N GLN A 314 -9.97 11.47 12.63
CA GLN A 314 -11.15 11.04 13.37
C GLN A 314 -12.33 10.85 12.43
N ALA A 315 -12.44 11.68 11.38
CA ALA A 315 -13.52 11.52 10.42
C ALA A 315 -13.40 10.20 9.68
N CYS A 316 -12.19 9.79 9.32
CA CYS A 316 -11.98 8.48 8.72
C CYS A 316 -12.30 7.35 9.68
N TRP A 317 -12.29 7.61 10.98
CA TRP A 317 -12.54 6.60 12.01
C TRP A 317 -13.96 6.68 12.56
N ALA A 318 -14.92 7.11 11.75
CA ALA A 318 -16.31 7.09 12.17
C ALA A 318 -16.83 5.67 12.22
N LEU A 319 -17.69 5.38 13.19
CA LEU A 319 -18.24 4.04 13.32
C LEU A 319 -19.16 3.69 12.15
N GLU A 320 -19.88 4.67 11.61
CA GLU A 320 -20.76 4.45 10.46
C GLU A 320 -20.01 4.70 9.16
N PRO A 321 -19.92 3.73 8.25
CA PRO A 321 -19.08 3.93 7.04
C PRO A 321 -19.54 5.08 6.14
N THR A 322 -20.85 5.23 5.94
CA THR A 322 -21.34 6.30 5.06
C THR A 322 -20.94 7.68 5.56
N HIS A 323 -20.71 7.82 6.86
CA HIS A 323 -20.36 9.11 7.44
C HIS A 323 -18.88 9.45 7.28
N ARG A 324 -18.04 8.49 6.92
CA ARG A 324 -16.63 8.77 6.69
C ARG A 324 -16.47 9.65 5.46
N PRO A 325 -15.38 10.40 5.37
CA PRO A 325 -15.13 11.20 4.17
C PRO A 325 -14.81 10.30 2.98
N THR A 326 -15.02 10.85 1.80
CA THR A 326 -14.54 10.19 0.59
C THR A 326 -13.09 10.58 0.34
N PHE A 327 -12.39 9.73 -0.42
CA PHE A 327 -11.01 10.07 -0.77
C PHE A 327 -10.95 11.34 -1.59
N GLN A 328 -11.97 11.61 -2.41
CA GLN A 328 -12.02 12.88 -3.13
C GLN A 328 -12.07 14.05 -2.15
N GLN A 329 -12.86 13.93 -1.08
CA GLN A 329 -12.91 14.97 -0.06
C GLN A 329 -11.60 15.04 0.72
N ILE A 330 -11.00 13.89 1.02
CA ILE A 330 -9.70 13.91 1.69
C ILE A 330 -8.65 14.55 0.78
N THR A 331 -8.65 14.16 -0.49
CA THR A 331 -7.71 14.74 -1.45
C THR A 331 -7.87 16.26 -1.50
N SER A 332 -9.07 16.73 -1.80
CA SER A 332 -9.28 18.17 -2.01
C SER A 332 -8.89 18.97 -0.78
N PHE A 333 -9.16 18.42 0.41
CA PHE A 333 -8.75 19.09 1.64
C PHE A 333 -7.23 19.13 1.77
N LEU A 334 -6.57 18.00 1.51
CA LEU A 334 -5.13 17.93 1.70
C LEU A 334 -4.36 18.68 0.63
N GLN A 335 -4.93 18.86 -0.56
CA GLN A 335 -4.29 19.71 -1.55
C GLN A 335 -4.17 21.14 -1.05
N GLU A 336 -5.16 21.60 -0.27
CA GLU A 336 -5.10 22.94 0.32
C GLU A 336 -3.94 23.05 1.31
N GLN A 337 -3.80 22.06 2.18
CA GLN A 337 -2.79 22.10 3.24
C GLN A 337 -1.40 21.78 2.71
C10 Z6V B . 7.35 -2.63 -5.59
C13 Z6V B . 10.48 -1.21 -4.14
C20 Z6V B . 8.00 -0.62 -6.67
C21 Z6V B . 7.10 -1.67 -6.56
C22 Z6V B . 4.79 -4.51 -6.82
C24 Z6V B . 0.45 -2.63 -6.64
C26 Z6V B . -1.61 -3.58 -6.85
C28 Z6V B . -3.64 -2.18 -7.11
C02 Z6V B . 0.32 -5.02 -6.60
C03 Z6V B . 1.10 -3.82 -6.56
C04 Z6V B . 2.54 -3.84 -6.36
C06 Z6V B . 4.25 -3.11 -4.96
C07 Z6V B . 4.66 -2.31 -3.76
C08 Z6V B . 5.20 -3.78 -5.72
C11 Z6V B . 8.46 -2.49 -4.78
C12 Z6V B . 9.31 -1.42 -4.96
C14 Z6V B . 11.44 -0.27 -4.37
C16 Z6V B . 13.59 0.39 -3.19
C18 Z6V B . 10.91 -1.86 -2.96
C23 Z6V B . 3.44 -4.55 -7.14
C29 Z6V B . -5.02 -2.47 -7.69
C30 Z6V B . -3.73 -1.51 -5.73
C32 Z6V B . -1.92 -6.02 -6.82
N05 Z6V B . 2.98 -3.16 -5.29
N15 Z6V B . 12.36 -0.37 -3.40
N17 Z6V B . 12.04 -1.37 -2.50
N19 Z6V B . 9.07 -0.49 -5.90
N25 Z6V B . -0.88 -2.49 -6.81
N27 Z6V B . -2.94 -3.48 -7.01
N31 Z6V B . -1.07 -4.81 -6.76
O01 Z6V B . 0.73 -6.18 -6.53
O09 Z6V B . 6.54 -3.72 -5.36
#